data_8XM2
#
_entry.id   8XM2
#
_cell.length_a   53.500
_cell.length_b   70.450
_cell.length_c   103.540
_cell.angle_alpha   90.000
_cell.angle_beta   90.000
_cell.angle_gamma   90.000
#
_symmetry.space_group_name_H-M   'P 21 21 21'
#
loop_
_entity.id
_entity.type
_entity.pdbx_description
1 polymer Phytase
2 water water
#
_entity_poly.entity_id   1
_entity_poly.type   'polypeptide(L)'
_entity_poly.pdbx_seq_one_letter_code
;AAPVAIQPTGYTLERVVILSRHGVRSPTKQTQLMNDVTPDTWPQWPVAAGELTPRGCQLVTLMGRFYGDYFRSQGLLAAG
CPTDADIYAQADVDQRTRLTCQCFLDGIAPGCGLKCHYQADLKKVDPLFHPVEAGVCKLDSTQTHKCVEERLGGPLSELS
KRYAKPFAQMGEILNFAASPYCKSLQQQGKTCDFANFAANKITVNKPGTKVSLSGPLALSSTLGEIFLLQNSQAMPDVAW
HRLTGEDNWISLLSLHNAQFDLMAKTPCIACHKGTPLLQQILTALVLQRDAQGQTLPLSPQTKILFLGGHDTNIANIAGM
LGLNWQLPQQPDNTPPGGGLVFELWQNPDNHQCYVAVKLFYQTMDQLRNAEKLDLKNNPAGIVPVAIDGCENIGDDKLCQ
CDTFQKKVAQAICPACHI
;
_entity_poly.pdbx_strand_id   A
#
# COMPACT_ATOMS: atom_id res chain seq x y z
N PRO A 8 14.57 -7.64 -25.17
CA PRO A 8 14.07 -6.36 -25.69
C PRO A 8 15.09 -5.23 -25.57
N THR A 9 15.17 -4.40 -26.62
CA THR A 9 15.94 -3.18 -26.56
C THR A 9 15.28 -2.16 -27.48
N GLY A 10 15.43 -0.88 -27.13
CA GLY A 10 14.87 0.17 -27.94
C GLY A 10 13.39 0.40 -27.79
N TYR A 11 12.73 -0.22 -26.80
CA TYR A 11 11.32 0.05 -26.61
C TYR A 11 11.13 1.45 -26.04
N THR A 12 9.96 2.04 -26.33
CA THR A 12 9.65 3.37 -25.86
C THR A 12 8.74 3.29 -24.65
N LEU A 13 8.97 4.16 -23.69
CA LEU A 13 8.08 4.28 -22.53
C LEU A 13 6.98 5.27 -22.89
N GLU A 14 5.76 4.76 -23.05
CA GLU A 14 4.66 5.55 -23.58
C GLU A 14 3.83 6.19 -22.47
N ARG A 15 3.68 5.51 -21.33
CA ARG A 15 2.76 5.98 -20.31
C ARG A 15 3.08 5.26 -19.01
N VAL A 16 2.73 5.89 -17.88
CA VAL A 16 2.99 5.35 -16.55
C VAL A 16 1.76 5.60 -15.68
N VAL A 17 1.38 4.60 -14.87
CA VAL A 17 0.39 4.80 -13.81
C VAL A 17 1.07 4.49 -12.49
N ILE A 18 0.95 5.41 -11.53
CA ILE A 18 1.53 5.27 -10.20
C ILE A 18 0.37 5.13 -9.21
N LEU A 19 0.24 3.96 -8.59
CA LEU A 19 -0.72 3.77 -7.50
C LEU A 19 0.09 3.90 -6.22
N SER A 20 0.01 5.06 -5.59
CA SER A 20 0.89 5.40 -4.49
C SER A 20 0.14 5.29 -3.17
N ARG A 21 0.82 4.80 -2.14
CA ARG A 21 0.33 4.93 -0.79
C ARG A 21 0.56 6.36 -0.30
N HIS A 22 -0.29 6.80 0.61
CA HIS A 22 -0.03 8.07 1.28
C HIS A 22 1.26 7.96 2.09
N GLY A 23 1.79 9.12 2.47
CA GLY A 23 3.00 9.17 3.27
C GLY A 23 2.74 8.92 4.75
N VAL A 24 3.77 9.23 5.56
CA VAL A 24 3.73 8.98 7.00
C VAL A 24 2.57 9.73 7.63
N ARG A 25 1.77 9.00 8.40
N ARG A 25 1.81 9.04 8.47
CA ARG A 25 0.58 9.50 9.07
CA ARG A 25 0.68 9.71 9.09
C ARG A 25 0.68 9.25 10.56
C ARG A 25 0.47 9.13 10.48
N SER A 26 -0.14 9.94 11.34
CA SER A 26 -0.36 9.55 12.74
C SER A 26 -1.28 8.33 12.81
N PRO A 27 -1.22 7.56 13.91
CA PRO A 27 -2.07 6.36 14.00
C PRO A 27 -3.56 6.67 13.89
N THR A 28 -4.29 5.79 13.19
CA THR A 28 -5.73 5.98 12.91
C THR A 28 -6.57 5.96 14.17
N LYS A 29 -6.10 5.27 15.20
CA LYS A 29 -6.95 5.01 16.33
C LYS A 29 -6.04 4.64 17.48
N GLN A 30 -6.48 4.93 18.70
CA GLN A 30 -5.78 4.45 19.89
C GLN A 30 -6.80 3.74 20.78
N THR A 31 -6.99 2.43 20.59
CA THR A 31 -8.03 1.71 21.30
C THR A 31 -7.56 1.31 22.69
N GLN A 32 -8.52 0.92 23.53
CA GLN A 32 -8.15 0.44 24.85
C GLN A 32 -7.25 -0.79 24.74
N LEU A 33 -7.55 -1.70 23.81
CA LEU A 33 -6.70 -2.88 23.62
C LEU A 33 -5.26 -2.48 23.37
N MET A 34 -5.05 -1.51 22.47
CA MET A 34 -3.71 -1.05 22.15
C MET A 34 -2.99 -0.49 23.38
N ASN A 35 -3.73 0.18 24.26
CA ASN A 35 -3.13 0.67 25.50
C ASN A 35 -2.91 -0.45 26.51
N ASP A 36 -3.83 -1.42 26.56
CA ASP A 36 -3.80 -2.46 27.59
C ASP A 36 -2.70 -3.49 27.39
N VAL A 37 -2.15 -3.66 26.17
CA VAL A 37 -1.18 -4.73 25.94
C VAL A 37 0.24 -4.32 26.29
N THR A 38 0.44 -3.11 26.82
CA THR A 38 1.74 -2.66 27.29
C THR A 38 1.58 -1.86 28.57
N PRO A 39 2.49 -2.02 29.53
CA PRO A 39 2.52 -1.11 30.68
C PRO A 39 3.02 0.27 30.31
N ASP A 40 3.73 0.40 29.20
CA ASP A 40 4.33 1.65 28.81
C ASP A 40 3.31 2.56 28.12
N THR A 41 3.71 3.80 27.89
CA THR A 41 2.85 4.81 27.29
C THR A 41 3.22 5.01 25.83
N TRP A 42 2.22 4.97 24.94
CA TRP A 42 2.45 5.26 23.54
C TRP A 42 2.83 6.74 23.35
N PRO A 43 3.89 7.04 22.60
CA PRO A 43 4.23 8.46 22.39
C PRO A 43 3.17 9.15 21.56
N GLN A 44 2.90 10.42 21.90
CA GLN A 44 1.87 11.14 21.18
C GLN A 44 2.44 11.74 19.89
N TRP A 45 1.55 12.00 18.94
CA TRP A 45 1.93 12.49 17.62
C TRP A 45 1.55 13.96 17.46
N PRO A 46 2.27 14.71 16.62
CA PRO A 46 2.05 16.16 16.54
C PRO A 46 0.87 16.55 15.67
N VAL A 47 0.14 15.58 15.12
CA VAL A 47 -0.91 15.82 14.16
C VAL A 47 -2.12 14.99 14.56
N ALA A 48 -3.31 15.47 14.23
CA ALA A 48 -4.54 14.74 14.54
C ALA A 48 -4.52 13.34 13.93
N ALA A 49 -5.22 12.42 14.60
CA ALA A 49 -5.25 11.03 14.20
C ALA A 49 -5.58 10.87 12.72
N GLY A 50 -4.76 10.09 12.03
CA GLY A 50 -4.99 9.75 10.64
C GLY A 50 -4.50 10.76 9.63
N GLU A 51 -3.97 11.91 10.04
CA GLU A 51 -3.54 12.92 9.09
C GLU A 51 -2.07 12.73 8.69
N LEU A 52 -1.75 13.19 7.48
CA LEU A 52 -0.36 13.19 7.04
C LEU A 52 0.41 14.20 7.88
N THR A 53 1.58 13.80 8.35
CA THR A 53 2.39 14.74 9.10
C THR A 53 3.17 15.63 8.14
N PRO A 54 3.59 16.81 8.61
CA PRO A 54 4.46 17.64 7.75
C PRO A 54 5.71 16.91 7.30
N ARG A 55 6.30 16.09 8.17
CA ARG A 55 7.44 15.29 7.77
C ARG A 55 7.04 14.27 6.69
N GLY A 56 5.84 13.71 6.82
CA GLY A 56 5.35 12.80 5.80
C GLY A 56 5.24 13.47 4.45
N CYS A 57 4.79 14.72 4.42
CA CYS A 57 4.71 15.47 3.17
C CYS A 57 6.09 15.70 2.60
N GLN A 58 7.06 16.08 3.44
N GLN A 58 7.06 16.04 3.44
CA GLN A 58 8.43 16.25 2.98
CA GLN A 58 8.43 16.26 2.97
C GLN A 58 8.96 14.97 2.34
C GLN A 58 9.01 14.98 2.37
N LEU A 59 8.70 13.82 2.96
CA LEU A 59 9.22 12.56 2.43
C LEU A 59 8.56 12.21 1.09
N VAL A 60 7.26 12.50 0.95
CA VAL A 60 6.60 12.30 -0.33
C VAL A 60 7.19 13.22 -1.38
N THR A 61 7.44 14.48 -1.02
CA THR A 61 8.05 15.42 -1.96
C THR A 61 9.42 14.94 -2.42
N LEU A 62 10.21 14.37 -1.50
CA LEU A 62 11.50 13.79 -1.90
C LEU A 62 11.31 12.67 -2.91
N MET A 63 10.30 11.82 -2.70
CA MET A 63 10.01 10.76 -3.66
C MET A 63 9.53 11.33 -4.99
N GLY A 64 8.71 12.39 -4.96
CA GLY A 64 8.31 13.03 -6.18
C GLY A 64 9.49 13.55 -6.99
N ARG A 65 10.49 14.13 -6.31
CA ARG A 65 11.69 14.59 -6.99
C ARG A 65 12.42 13.42 -7.64
N PHE A 66 12.44 12.27 -6.97
CA PHE A 66 13.06 11.10 -7.60
C PHE A 66 12.28 10.66 -8.82
N TYR A 67 10.94 10.59 -8.72
CA TYR A 67 10.13 10.23 -9.88
C TYR A 67 10.40 11.18 -11.03
N GLY A 68 10.57 12.47 -10.71
CA GLY A 68 10.89 13.43 -11.76
C GLY A 68 12.23 13.15 -12.42
N ASP A 69 13.29 12.94 -11.62
CA ASP A 69 14.59 12.64 -12.20
C ASP A 69 14.54 11.38 -13.03
N TYR A 70 13.79 10.39 -12.55
CA TYR A 70 13.77 9.08 -13.20
C TYR A 70 13.06 9.15 -14.53
N PHE A 71 11.88 9.75 -14.57
CA PHE A 71 11.14 9.77 -15.82
C PHE A 71 11.62 10.87 -16.77
N ARG A 72 12.32 11.90 -16.27
CA ARG A 72 13.00 12.82 -17.20
C ARG A 72 14.26 12.21 -17.78
N SER A 73 14.92 11.32 -17.03
CA SER A 73 16.04 10.58 -17.61
C SER A 73 15.55 9.69 -18.73
N GLN A 74 14.43 9.00 -18.49
CA GLN A 74 13.84 8.20 -19.54
C GLN A 74 13.37 9.06 -20.71
N GLY A 75 12.89 10.27 -20.41
CA GLY A 75 12.37 11.17 -21.44
C GLY A 75 10.86 11.25 -21.49
N LEU A 76 10.14 10.38 -20.76
CA LEU A 76 8.69 10.46 -20.71
C LEU A 76 8.23 11.85 -20.29
N LEU A 77 8.94 12.46 -19.35
CA LEU A 77 8.73 13.83 -18.94
C LEU A 77 9.82 14.71 -19.53
N ALA A 78 9.41 15.86 -20.07
CA ALA A 78 10.34 16.84 -20.57
C ALA A 78 11.03 17.57 -19.42
N ALA A 79 12.15 18.23 -19.73
CA ALA A 79 12.78 19.07 -18.72
C ALA A 79 11.85 20.22 -18.34
N GLY A 80 11.97 20.66 -17.08
CA GLY A 80 11.16 21.74 -16.56
C GLY A 80 9.75 21.31 -16.20
N CYS A 81 8.88 22.31 -16.02
CA CYS A 81 7.54 22.04 -15.51
C CYS A 81 6.75 21.18 -16.49
N PRO A 82 6.16 20.07 -16.04
CA PRO A 82 5.19 19.35 -16.88
C PRO A 82 3.98 20.22 -17.13
N THR A 83 3.31 19.97 -18.27
CA THR A 83 2.07 20.67 -18.55
C THR A 83 0.95 20.10 -17.69
N ASP A 84 -0.24 20.68 -17.85
CA ASP A 84 -1.41 20.17 -17.16
C ASP A 84 -1.93 18.89 -17.79
N ALA A 85 -1.68 18.69 -19.08
CA ALA A 85 -2.11 17.46 -19.73
C ALA A 85 -1.14 16.30 -19.49
N ASP A 86 0.11 16.60 -19.13
CA ASP A 86 1.12 15.55 -19.01
C ASP A 86 0.85 14.65 -17.82
N ILE A 87 0.47 15.24 -16.68
CA ILE A 87 0.28 14.49 -15.43
C ILE A 87 -1.12 14.76 -14.91
N TYR A 88 -1.86 13.68 -14.65
CA TYR A 88 -3.14 13.74 -13.98
C TYR A 88 -2.99 13.07 -12.62
N ALA A 89 -3.34 13.79 -11.56
CA ALA A 89 -3.18 13.27 -10.21
C ALA A 89 -4.56 13.25 -9.55
N GLN A 90 -4.97 12.05 -9.12
CA GLN A 90 -6.25 11.83 -8.47
C GLN A 90 -5.99 11.26 -7.09
N ALA A 91 -6.63 11.81 -6.07
CA ALA A 91 -6.45 11.36 -4.70
C ALA A 91 -7.77 10.85 -4.14
N ASP A 92 -7.67 9.86 -3.25
CA ASP A 92 -8.81 9.49 -2.41
C ASP A 92 -9.19 10.66 -1.49
N VAL A 93 -10.37 10.56 -0.87
CA VAL A 93 -10.93 11.70 -0.14
C VAL A 93 -10.24 12.00 1.19
N ASP A 94 -9.48 11.04 1.74
CA ASP A 94 -8.82 11.28 3.02
C ASP A 94 -7.87 12.47 2.94
N GLN A 95 -7.73 13.20 4.05
CA GLN A 95 -6.73 14.24 4.10
C GLN A 95 -5.34 13.71 3.74
N ARG A 96 -5.01 12.51 4.24
CA ARG A 96 -3.64 12.03 4.06
C ARG A 96 -3.36 11.68 2.60
N THR A 97 -4.37 11.23 1.87
CA THR A 97 -4.18 10.98 0.44
C THR A 97 -4.20 12.29 -0.35
N ARG A 98 -5.09 13.22 0.00
CA ARG A 98 -5.11 14.48 -0.73
C ARG A 98 -3.81 15.25 -0.57
N LEU A 99 -3.30 15.33 0.65
CA LEU A 99 -2.05 16.05 0.86
C LEU A 99 -0.86 15.30 0.25
N THR A 100 -0.86 13.96 0.34
CA THR A 100 0.19 13.20 -0.35
C THR A 100 0.23 13.55 -1.83
N CYS A 101 -0.94 13.66 -2.44
CA CYS A 101 -1.01 13.93 -3.86
C CYS A 101 -0.39 15.27 -4.20
N GLN A 102 -0.68 16.30 -3.39
CA GLN A 102 -0.09 17.61 -3.62
C GLN A 102 1.42 17.59 -3.35
N CYS A 103 1.85 16.88 -2.30
CA CYS A 103 3.29 16.81 -2.04
C CYS A 103 4.02 16.05 -3.15
N PHE A 104 3.36 15.08 -3.78
CA PHE A 104 3.95 14.42 -4.93
C PHE A 104 4.15 15.42 -6.07
N LEU A 105 3.12 16.21 -6.38
CA LEU A 105 3.27 17.20 -7.45
C LEU A 105 4.35 18.22 -7.12
N ASP A 106 4.43 18.67 -5.86
CA ASP A 106 5.47 19.62 -5.46
C ASP A 106 6.88 19.09 -5.67
N GLY A 107 7.05 17.77 -5.69
CA GLY A 107 8.36 17.18 -5.89
C GLY A 107 8.64 16.86 -7.35
N ILE A 108 7.65 16.37 -8.08
CA ILE A 108 7.85 16.02 -9.48
C ILE A 108 7.79 17.26 -10.36
N ALA A 109 7.24 18.35 -9.84
CA ALA A 109 7.06 19.59 -10.61
C ALA A 109 7.19 20.78 -9.67
N PRO A 110 8.39 21.02 -9.14
CA PRO A 110 8.53 21.97 -8.02
C PRO A 110 8.20 23.40 -8.45
N GLY A 111 7.40 24.07 -7.62
CA GLY A 111 6.98 25.43 -7.92
C GLY A 111 6.21 25.59 -9.22
N CYS A 112 5.69 24.49 -9.79
CA CYS A 112 4.97 24.56 -11.06
C CYS A 112 3.48 24.82 -10.91
N GLY A 113 2.93 24.77 -9.69
CA GLY A 113 1.52 25.01 -9.53
C GLY A 113 0.58 23.96 -10.10
N LEU A 114 1.01 22.72 -10.23
CA LEU A 114 0.10 21.64 -10.62
C LEU A 114 -0.88 21.36 -9.49
N LYS A 115 -2.07 20.85 -9.84
CA LYS A 115 -3.14 20.64 -8.88
C LYS A 115 -3.62 19.20 -8.89
N CYS A 116 -3.87 18.65 -7.70
CA CYS A 116 -4.48 17.34 -7.55
C CYS A 116 -6.00 17.42 -7.68
N HIS A 117 -6.61 16.29 -8.04
CA HIS A 117 -8.06 16.19 -8.13
C HIS A 117 -8.59 15.11 -7.18
N TYR A 118 -9.85 15.27 -6.78
CA TYR A 118 -10.48 14.31 -5.86
C TYR A 118 -11.98 14.50 -5.88
N GLN A 119 -12.68 13.49 -5.37
CA GLN A 119 -14.12 13.57 -5.21
C GLN A 119 -14.50 14.76 -4.34
N ALA A 120 -15.43 15.59 -4.83
CA ALA A 120 -15.75 16.83 -4.14
C ALA A 120 -16.37 16.57 -2.77
N ASP A 121 -17.19 15.53 -2.66
CA ASP A 121 -17.88 15.22 -1.40
C ASP A 121 -16.92 14.42 -0.52
N LEU A 122 -16.30 15.11 0.44
CA LEU A 122 -15.35 14.46 1.33
C LEU A 122 -16.03 13.71 2.46
N LYS A 123 -17.35 13.85 2.60
CA LYS A 123 -18.10 13.17 3.65
C LYS A 123 -18.56 11.78 3.23
N LYS A 124 -18.24 11.35 2.01
CA LYS A 124 -18.55 10.02 1.50
C LYS A 124 -17.25 9.38 1.04
N VAL A 125 -17.15 8.05 1.17
CA VAL A 125 -16.00 7.38 0.56
C VAL A 125 -16.08 7.54 -0.96
N ASP A 126 -14.92 7.45 -1.60
CA ASP A 126 -14.83 7.45 -3.05
C ASP A 126 -14.88 6.01 -3.54
N PRO A 127 -15.89 5.62 -4.31
CA PRO A 127 -16.01 4.21 -4.71
C PRO A 127 -14.86 3.70 -5.57
N LEU A 128 -14.09 4.58 -6.20
CA LEU A 128 -12.89 4.13 -6.91
C LEU A 128 -11.91 3.46 -5.95
N PHE A 129 -11.76 3.99 -4.74
CA PHE A 129 -10.83 3.43 -3.77
C PHE A 129 -11.48 2.49 -2.77
N HIS A 130 -12.77 2.62 -2.49
CA HIS A 130 -13.45 1.78 -1.50
C HIS A 130 -14.84 1.41 -2.00
N PRO A 131 -14.92 0.58 -3.05
CA PRO A 131 -16.23 0.30 -3.66
C PRO A 131 -17.13 -0.54 -2.78
N VAL A 132 -16.57 -1.43 -1.96
CA VAL A 132 -17.42 -2.25 -1.11
C VAL A 132 -17.99 -1.39 0.01
N GLU A 133 -17.14 -0.57 0.63
CA GLU A 133 -17.62 0.34 1.66
C GLU A 133 -18.66 1.29 1.08
N ALA A 134 -18.47 1.73 -0.16
CA ALA A 134 -19.40 2.64 -0.82
C ALA A 134 -20.74 2.00 -1.15
N GLY A 135 -20.86 0.68 -1.07
CA GLY A 135 -22.09 0.01 -1.44
C GLY A 135 -22.23 -0.34 -2.90
N VAL A 136 -21.14 -0.32 -3.67
CA VAL A 136 -21.21 -0.65 -5.09
C VAL A 136 -21.51 -2.13 -5.27
N CYS A 137 -20.83 -2.99 -4.50
CA CYS A 137 -21.05 -4.42 -4.47
C CYS A 137 -20.79 -4.90 -3.06
N LYS A 138 -21.35 -6.07 -2.70
CA LYS A 138 -21.31 -6.58 -1.34
C LYS A 138 -20.47 -7.85 -1.26
N LEU A 139 -19.93 -8.11 -0.07
CA LEU A 139 -19.29 -9.37 0.25
C LEU A 139 -20.30 -10.32 0.87
N ASP A 140 -20.21 -11.59 0.51
CA ASP A 140 -21.00 -12.63 1.16
C ASP A 140 -20.18 -13.22 2.29
N SER A 141 -20.76 -13.27 3.49
CA SER A 141 -19.96 -13.67 4.64
C SER A 141 -19.55 -15.13 4.55
N THR A 142 -20.50 -16.02 4.24
CA THR A 142 -20.20 -17.45 4.18
C THR A 142 -19.07 -17.73 3.19
N GLN A 143 -19.19 -17.19 1.98
CA GLN A 143 -18.15 -17.38 0.96
C GLN A 143 -16.82 -16.83 1.43
N THR A 144 -16.84 -15.68 2.11
CA THR A 144 -15.59 -15.02 2.49
C THR A 144 -14.85 -15.82 3.56
N HIS A 145 -15.55 -16.34 4.55
CA HIS A 145 -14.89 -17.19 5.53
C HIS A 145 -14.24 -18.40 4.88
N LYS A 146 -14.95 -19.03 3.94
CA LYS A 146 -14.45 -20.22 3.29
C LYS A 146 -13.21 -19.93 2.47
N CYS A 147 -13.25 -18.88 1.65
CA CYS A 147 -12.13 -18.69 0.74
C CYS A 147 -10.91 -18.10 1.45
N VAL A 148 -11.09 -17.32 2.52
CA VAL A 148 -9.94 -16.83 3.28
C VAL A 148 -9.24 -18.00 3.99
N GLU A 149 -10.00 -18.94 4.53
CA GLU A 149 -9.36 -20.13 5.09
C GLU A 149 -8.63 -20.92 4.01
N GLU A 150 -9.19 -20.97 2.80
CA GLU A 150 -8.55 -21.70 1.72
C GLU A 150 -7.23 -21.05 1.34
N ARG A 151 -7.18 -19.72 1.32
CA ARG A 151 -5.92 -19.03 1.03
C ARG A 151 -4.92 -19.26 2.15
N LEU A 152 -5.36 -19.24 3.40
CA LEU A 152 -4.45 -19.47 4.51
C LEU A 152 -3.94 -20.91 4.54
N GLY A 153 -4.77 -21.86 4.13
CA GLY A 153 -4.35 -23.25 4.16
C GLY A 153 -4.54 -23.90 5.50
N GLY A 154 -5.55 -23.50 6.25
CA GLY A 154 -5.82 -24.04 7.56
C GLY A 154 -6.61 -23.04 8.37
N PRO A 155 -7.11 -23.44 9.53
CA PRO A 155 -7.91 -22.52 10.35
C PRO A 155 -7.03 -21.42 10.94
N LEU A 156 -7.71 -20.34 11.33
CA LEU A 156 -7.00 -19.18 11.88
C LEU A 156 -6.20 -19.52 13.13
N SER A 157 -6.54 -20.62 13.82
CA SER A 157 -5.82 -21.04 15.01
C SER A 157 -4.38 -21.44 14.73
N GLU A 158 -4.05 -21.70 13.46
CA GLU A 158 -2.68 -22.05 13.09
C GLU A 158 -1.75 -20.84 13.06
N LEU A 159 -2.27 -19.62 13.13
CA LEU A 159 -1.40 -18.45 13.07
C LEU A 159 -0.46 -18.39 14.27
N SER A 160 -0.92 -18.82 15.46
CA SER A 160 -0.05 -18.78 16.63
C SER A 160 1.23 -19.57 16.40
N LYS A 161 1.12 -20.72 15.72
CA LYS A 161 2.31 -21.52 15.49
C LYS A 161 3.09 -21.02 14.27
N ARG A 162 2.40 -20.67 13.20
CA ARG A 162 3.10 -20.17 12.00
C ARG A 162 3.98 -18.97 12.31
N TYR A 163 3.57 -18.13 13.25
CA TYR A 163 4.28 -16.89 13.55
C TYR A 163 4.71 -16.86 15.00
N ALA A 164 5.16 -17.99 15.53
CA ALA A 164 5.49 -18.07 16.96
C ALA A 164 6.55 -17.06 17.33
N LYS A 165 7.66 -17.04 16.59
CA LYS A 165 8.75 -16.13 16.97
C LYS A 165 8.38 -14.65 16.83
N PRO A 166 7.77 -14.20 15.72
CA PRO A 166 7.37 -12.78 15.67
C PRO A 166 6.37 -12.39 16.75
N PHE A 167 5.42 -13.28 17.08
CA PHE A 167 4.46 -12.99 18.14
C PHE A 167 5.16 -12.85 19.48
N ALA A 168 6.09 -13.76 19.79
CA ALA A 168 6.86 -13.63 21.02
C ALA A 168 7.71 -12.36 20.99
N GLN A 169 8.27 -12.03 19.82
CA GLN A 169 9.05 -10.81 19.68
C GLN A 169 8.20 -9.57 19.95
N MET A 170 6.98 -9.55 19.43
CA MET A 170 6.08 -8.42 19.69
C MET A 170 5.74 -8.32 21.18
N GLY A 171 5.44 -9.45 21.82
CA GLY A 171 5.15 -9.42 23.25
C GLY A 171 6.30 -8.87 24.06
N GLU A 172 7.54 -9.22 23.68
CA GLU A 172 8.70 -8.70 24.40
C GLU A 172 8.89 -7.21 24.17
N ILE A 173 8.61 -6.73 22.95
CA ILE A 173 8.68 -5.30 22.68
C ILE A 173 7.65 -4.56 23.52
N LEU A 174 6.46 -5.13 23.66
CA LEU A 174 5.39 -4.49 24.41
C LEU A 174 5.57 -4.61 25.91
N ASN A 175 6.47 -5.48 26.37
CA ASN A 175 6.51 -5.92 27.77
C ASN A 175 5.12 -6.41 28.19
N PHE A 176 4.55 -7.26 27.33
CA PHE A 176 3.21 -7.76 27.53
C PHE A 176 3.03 -8.47 28.87
N ALA A 177 4.09 -9.08 29.41
CA ALA A 177 3.96 -9.81 30.67
C ALA A 177 3.59 -8.87 31.82
N ALA A 178 3.96 -7.60 31.72
CA ALA A 178 3.70 -6.62 32.76
C ALA A 178 2.49 -5.73 32.46
N SER A 179 1.70 -6.04 31.43
CA SER A 179 0.64 -5.17 30.93
C SER A 179 -0.66 -5.35 31.68
N PRO A 180 -1.54 -4.34 31.65
CA PRO A 180 -2.90 -4.53 32.21
C PRO A 180 -3.63 -5.73 31.61
N TYR A 181 -3.46 -5.99 30.31
CA TYR A 181 -4.13 -7.13 29.70
C TYR A 181 -3.65 -8.44 30.31
N CYS A 182 -2.33 -8.58 30.47
CA CYS A 182 -1.79 -9.80 31.07
C CYS A 182 -2.27 -9.96 32.50
N LYS A 183 -2.20 -8.89 33.30
CA LYS A 183 -2.69 -8.94 34.66
C LYS A 183 -4.13 -9.41 34.71
N SER A 184 -4.93 -9.01 33.72
CA SER A 184 -6.31 -9.43 33.68
C SER A 184 -6.45 -10.89 33.29
N LEU A 185 -5.58 -11.37 32.39
CA LEU A 185 -5.58 -12.79 32.06
C LEU A 185 -5.17 -13.62 33.27
N GLN A 186 -4.13 -13.18 33.99
CA GLN A 186 -3.67 -13.92 35.15
C GLN A 186 -4.72 -13.97 36.24
N GLN A 187 -5.52 -12.91 36.37
CA GLN A 187 -6.67 -12.92 37.26
C GLN A 187 -7.62 -14.06 36.92
N GLN A 188 -7.66 -14.47 35.66
CA GLN A 188 -8.51 -15.56 35.19
C GLN A 188 -7.79 -16.91 35.18
N GLY A 189 -6.57 -16.97 35.71
CA GLY A 189 -5.83 -18.22 35.71
C GLY A 189 -5.26 -18.64 34.37
N LYS A 190 -5.37 -17.81 33.34
CA LYS A 190 -4.75 -18.09 32.06
C LYS A 190 -3.33 -17.54 32.04
N THR A 191 -2.58 -17.95 31.01
CA THR A 191 -1.21 -17.50 30.86
C THR A 191 -1.14 -16.29 29.93
N CYS A 192 0.01 -15.64 29.91
CA CYS A 192 0.16 -14.47 29.07
C CYS A 192 1.01 -14.76 27.85
N ASP A 193 0.56 -15.74 27.08
CA ASP A 193 1.11 -16.05 25.77
C ASP A 193 0.55 -15.04 24.76
N PHE A 194 1.38 -14.09 24.32
CA PHE A 194 0.87 -13.01 23.47
C PHE A 194 0.24 -13.54 22.18
N ALA A 195 0.83 -14.60 21.61
CA ALA A 195 0.27 -15.14 20.36
C ALA A 195 -1.17 -15.60 20.55
N ASN A 196 -1.56 -15.97 21.77
CA ASN A 196 -2.89 -16.52 22.03
C ASN A 196 -3.70 -15.69 23.01
N PHE A 197 -3.46 -14.39 23.09
CA PHE A 197 -4.20 -13.59 24.07
C PHE A 197 -5.70 -13.58 23.77
N ALA A 198 -6.08 -13.81 22.51
CA ALA A 198 -7.47 -13.98 22.10
C ALA A 198 -7.49 -14.71 20.78
N ALA A 199 -8.69 -15.09 20.34
CA ALA A 199 -8.84 -15.72 19.04
C ALA A 199 -8.66 -14.70 17.92
N ASN A 200 -8.08 -15.16 16.80
CA ASN A 200 -8.12 -14.40 15.57
C ASN A 200 -9.48 -14.59 14.91
N LYS A 201 -10.13 -13.49 14.55
CA LYS A 201 -11.51 -13.56 14.07
C LYS A 201 -11.69 -12.68 12.84
N ILE A 202 -12.42 -13.18 11.86
CA ILE A 202 -12.86 -12.39 10.72
C ILE A 202 -14.35 -12.18 10.86
N THR A 203 -14.77 -10.92 10.79
CA THR A 203 -16.18 -10.52 10.91
C THR A 203 -16.56 -9.71 9.68
N VAL A 204 -17.61 -10.16 8.99
CA VAL A 204 -18.26 -9.39 7.94
C VAL A 204 -19.49 -8.74 8.55
N ASN A 205 -19.68 -7.45 8.30
CA ASN A 205 -20.85 -6.78 8.87
C ASN A 205 -22.13 -7.22 8.15
N LYS A 206 -23.27 -6.87 8.74
CA LYS A 206 -24.55 -7.38 8.23
C LYS A 206 -24.83 -7.01 6.77
N PRO A 207 -24.62 -5.78 6.31
CA PRO A 207 -24.86 -5.48 4.89
C PRO A 207 -23.76 -5.96 3.95
N GLY A 208 -22.68 -6.56 4.46
CA GLY A 208 -21.61 -7.02 3.59
C GLY A 208 -20.78 -5.91 2.99
N THR A 209 -20.67 -4.77 3.66
CA THR A 209 -19.88 -3.66 3.17
C THR A 209 -18.53 -3.53 3.86
N LYS A 210 -18.24 -4.40 4.83
CA LYS A 210 -17.00 -4.32 5.59
C LYS A 210 -16.61 -5.71 6.02
N VAL A 211 -15.31 -6.02 5.94
CA VAL A 211 -14.77 -7.25 6.49
C VAL A 211 -13.54 -6.86 7.30
N SER A 212 -13.45 -7.35 8.54
CA SER A 212 -12.37 -6.97 9.44
C SER A 212 -11.78 -8.19 10.14
N LEU A 213 -10.46 -8.26 10.17
CA LEU A 213 -9.75 -9.20 11.02
C LEU A 213 -9.45 -8.53 12.35
N SER A 214 -9.71 -9.23 13.44
CA SER A 214 -9.33 -8.77 14.77
C SER A 214 -8.61 -9.91 15.51
N GLY A 215 -7.95 -9.56 16.60
CA GLY A 215 -7.18 -10.53 17.36
C GLY A 215 -5.69 -10.28 17.29
N PRO A 216 -4.88 -11.25 17.75
CA PRO A 216 -3.45 -10.98 17.86
C PRO A 216 -2.76 -10.64 16.56
N LEU A 217 -3.05 -11.32 15.44
CA LEU A 217 -2.39 -10.95 14.19
C LEU A 217 -2.77 -9.54 13.76
N ALA A 218 -4.06 -9.21 13.84
CA ALA A 218 -4.51 -7.88 13.45
C ALA A 218 -3.86 -6.81 14.31
N LEU A 219 -3.86 -7.03 15.63
CA LEU A 219 -3.26 -6.05 16.53
C LEU A 219 -1.76 -5.91 16.25
N SER A 220 -1.07 -7.03 16.03
CA SER A 220 0.37 -7.00 15.82
C SER A 220 0.71 -6.34 14.49
N SER A 221 -0.15 -6.52 13.49
CA SER A 221 0.04 -5.82 12.23
C SER A 221 -0.11 -4.31 12.42
N THR A 222 -1.10 -3.89 13.21
CA THR A 222 -1.29 -2.47 13.48
C THR A 222 -0.11 -1.89 14.25
N LEU A 223 0.32 -2.57 15.31
CA LEU A 223 1.38 -2.01 16.16
C LEU A 223 2.73 -2.03 15.45
N GLY A 224 2.99 -3.07 14.65
CA GLY A 224 4.22 -3.08 13.88
C GLY A 224 4.30 -1.92 12.90
N GLU A 225 3.17 -1.62 12.23
CA GLU A 225 3.14 -0.47 11.35
C GLU A 225 3.33 0.84 12.12
N ILE A 226 2.76 0.94 13.33
CA ILE A 226 2.97 2.14 14.13
C ILE A 226 4.45 2.34 14.46
N PHE A 227 5.14 1.27 14.88
CA PHE A 227 6.58 1.37 15.11
C PHE A 227 7.32 1.87 13.88
N LEU A 228 6.99 1.32 12.70
N LEU A 228 6.99 1.31 12.71
CA LEU A 228 7.63 1.78 11.48
CA LEU A 228 7.60 1.76 11.46
C LEU A 228 7.29 3.24 11.19
C LEU A 228 7.28 3.23 11.18
N LEU A 229 6.05 3.64 11.48
CA LEU A 229 5.68 5.04 11.26
C LEU A 229 6.43 5.95 12.23
N GLN A 230 6.56 5.52 13.50
CA GLN A 230 7.36 6.25 14.47
C GLN A 230 8.78 6.45 13.94
N ASN A 231 9.36 5.37 13.43
CA ASN A 231 10.73 5.43 12.93
C ASN A 231 10.82 6.37 11.73
N SER A 232 9.86 6.25 10.80
CA SER A 232 9.90 7.06 9.58
C SER A 232 9.64 8.53 9.86
N GLN A 233 8.91 8.83 10.95
CA GLN A 233 8.63 10.20 11.38
C GLN A 233 9.83 10.84 12.05
N ALA A 234 10.89 10.06 12.31
CA ALA A 234 12.08 10.51 13.04
C ALA A 234 11.78 10.79 14.51
N MET A 235 10.85 10.07 15.10
CA MET A 235 10.63 10.20 16.54
C MET A 235 11.85 9.66 17.28
N PRO A 236 12.19 10.24 18.43
CA PRO A 236 13.42 9.81 19.12
C PRO A 236 13.30 8.43 19.77
N ASP A 237 12.10 8.09 20.26
CA ASP A 237 11.86 6.85 20.99
C ASP A 237 10.90 5.99 20.18
N VAL A 238 11.43 4.99 19.49
CA VAL A 238 10.65 4.07 18.69
C VAL A 238 10.49 2.79 19.48
N ALA A 239 9.24 2.37 19.73
CA ALA A 239 8.96 1.12 20.42
C ALA A 239 9.73 1.01 21.73
N TRP A 240 9.83 2.13 22.45
CA TRP A 240 10.46 2.18 23.77
C TRP A 240 11.90 1.70 23.73
N HIS A 241 12.55 1.90 22.58
CA HIS A 241 13.95 1.51 22.36
C HIS A 241 14.16 0.01 22.53
N ARG A 242 13.15 -0.80 22.21
CA ARG A 242 13.24 -2.24 22.31
C ARG A 242 13.17 -2.94 20.96
N LEU A 243 13.21 -2.17 19.87
CA LEU A 243 13.18 -2.71 18.52
C LEU A 243 14.37 -2.12 17.77
N THR A 244 15.37 -2.95 17.52
CA THR A 244 16.56 -2.48 16.82
C THR A 244 17.14 -3.64 16.02
N GLY A 245 17.81 -3.29 14.92
CA GLY A 245 18.37 -4.31 14.05
C GLY A 245 17.46 -4.59 12.88
N GLU A 246 18.03 -4.55 11.66
CA GLU A 246 17.24 -4.81 10.46
C GLU A 246 16.61 -6.19 10.50
N ASP A 247 17.31 -7.16 11.09
CA ASP A 247 16.76 -8.51 11.20
C ASP A 247 15.47 -8.50 12.03
N ASN A 248 15.46 -7.74 13.13
CA ASN A 248 14.31 -7.71 14.01
C ASN A 248 13.16 -6.93 13.41
N TRP A 249 13.45 -5.88 12.63
CA TRP A 249 12.39 -5.16 11.91
C TRP A 249 11.72 -6.08 10.90
N ILE A 250 12.50 -6.86 10.16
CA ILE A 250 11.93 -7.74 9.15
C ILE A 250 11.00 -8.76 9.78
N SER A 251 11.44 -9.39 10.87
N SER A 251 11.43 -9.38 10.87
CA SER A 251 10.63 -10.41 11.51
CA SER A 251 10.61 -10.42 11.49
C SER A 251 9.37 -9.83 12.12
C SER A 251 9.36 -9.83 12.11
N LEU A 252 9.48 -8.67 12.78
CA LEU A 252 8.30 -8.09 13.42
C LEU A 252 7.25 -7.70 12.38
N LEU A 253 7.69 -7.04 11.29
CA LEU A 253 6.75 -6.60 10.28
C LEU A 253 6.24 -7.75 9.42
N SER A 254 6.78 -8.96 9.56
CA SER A 254 6.19 -10.09 8.83
C SER A 254 4.77 -10.36 9.30
N LEU A 255 4.42 -9.98 10.53
CA LEU A 255 3.04 -10.07 10.99
C LEU A 255 2.14 -9.13 10.19
N HIS A 256 2.58 -7.88 10.04
CA HIS A 256 1.85 -6.89 9.23
C HIS A 256 1.67 -7.40 7.80
N ASN A 257 2.75 -7.90 7.19
CA ASN A 257 2.64 -8.33 5.81
C ASN A 257 1.72 -9.53 5.67
N ALA A 258 1.75 -10.43 6.66
CA ALA A 258 0.88 -11.60 6.65
C ALA A 258 -0.58 -11.20 6.77
N GLN A 259 -0.87 -10.20 7.60
CA GLN A 259 -2.24 -9.71 7.71
C GLN A 259 -2.71 -9.11 6.39
N PHE A 260 -1.84 -8.37 5.70
CA PHE A 260 -2.22 -7.83 4.41
C PHE A 260 -2.36 -8.93 3.37
N ASP A 261 -1.52 -9.97 3.43
CA ASP A 261 -1.72 -11.07 2.52
C ASP A 261 -3.11 -11.68 2.70
N LEU A 262 -3.46 -12.01 3.93
CA LEU A 262 -4.71 -12.70 4.21
C LEU A 262 -5.92 -11.83 3.89
N MET A 263 -5.92 -10.59 4.34
CA MET A 263 -7.14 -9.78 4.29
C MET A 263 -7.23 -8.89 3.06
N ALA A 264 -6.13 -8.64 2.38
CA ALA A 264 -6.18 -7.77 1.21
C ALA A 264 -5.70 -8.44 -0.08
N LYS A 265 -4.85 -9.46 -0.01
CA LYS A 265 -4.39 -10.08 -1.25
C LYS A 265 -5.21 -11.30 -1.65
N THR A 266 -5.92 -11.92 -0.71
CA THR A 266 -6.80 -13.03 -1.06
C THR A 266 -7.78 -12.63 -2.15
N PRO A 267 -7.78 -13.30 -3.30
CA PRO A 267 -8.56 -12.78 -4.44
C PRO A 267 -10.03 -12.66 -4.18
N CYS A 268 -10.64 -13.52 -3.37
CA CYS A 268 -12.08 -13.37 -3.16
C CYS A 268 -12.45 -12.16 -2.32
N ILE A 269 -11.49 -11.45 -1.73
CA ILE A 269 -11.73 -10.10 -1.19
C ILE A 269 -11.17 -9.04 -2.13
N ALA A 270 -9.93 -9.24 -2.59
CA ALA A 270 -9.26 -8.26 -3.45
C ALA A 270 -10.07 -7.94 -4.70
N CYS A 271 -10.64 -8.98 -5.32
CA CYS A 271 -11.46 -8.83 -6.53
C CYS A 271 -12.56 -7.80 -6.35
N HIS A 272 -13.23 -7.83 -5.20
CA HIS A 272 -14.33 -6.89 -4.99
C HIS A 272 -13.83 -5.49 -4.66
N LYS A 273 -12.83 -5.38 -3.80
CA LYS A 273 -12.35 -4.05 -3.42
C LYS A 273 -11.50 -3.39 -4.48
N GLY A 274 -10.88 -4.16 -5.36
CA GLY A 274 -9.86 -3.64 -6.26
C GLY A 274 -10.25 -3.52 -7.72
N THR A 275 -11.44 -3.99 -8.09
CA THR A 275 -11.84 -3.94 -9.49
C THR A 275 -11.87 -2.52 -10.06
N PRO A 276 -12.47 -1.51 -9.41
CA PRO A 276 -12.41 -0.15 -10.00
C PRO A 276 -11.00 0.33 -10.24
N LEU A 277 -10.10 0.16 -9.27
CA LEU A 277 -8.73 0.63 -9.47
C LEU A 277 -8.04 -0.16 -10.58
N LEU A 278 -8.27 -1.48 -10.66
CA LEU A 278 -7.59 -2.24 -11.71
C LEU A 278 -8.08 -1.81 -13.09
N GLN A 279 -9.39 -1.59 -13.23
CA GLN A 279 -9.91 -1.09 -14.50
C GLN A 279 -9.37 0.28 -14.81
N GLN A 280 -9.27 1.16 -13.79
CA GLN A 280 -8.75 2.50 -14.02
C GLN A 280 -7.27 2.45 -14.42
N ILE A 281 -6.49 1.60 -13.76
CA ILE A 281 -5.08 1.44 -14.12
C ILE A 281 -4.95 0.99 -15.56
N LEU A 282 -5.70 -0.06 -15.91
CA LEU A 282 -5.60 -0.65 -17.25
C LEU A 282 -6.02 0.34 -18.32
N THR A 283 -7.20 0.96 -18.16
CA THR A 283 -7.68 1.85 -19.22
C THR A 283 -6.81 3.10 -19.35
N ALA A 284 -6.21 3.56 -18.25
CA ALA A 284 -5.34 4.72 -18.35
C ALA A 284 -4.02 4.35 -19.01
N LEU A 285 -3.47 3.19 -18.66
CA LEU A 285 -2.17 2.78 -19.17
C LEU A 285 -2.18 2.72 -20.70
N VAL A 286 -3.18 2.05 -21.28
CA VAL A 286 -3.34 2.04 -22.73
C VAL A 286 -4.10 3.26 -23.25
N LEU A 287 -4.55 4.14 -22.36
CA LEU A 287 -5.32 5.35 -22.70
C LEU A 287 -6.55 5.01 -23.53
N GLN A 288 -7.38 4.10 -23.01
CA GLN A 288 -8.69 3.81 -23.58
C GLN A 288 -9.69 4.74 -22.88
N ARG A 289 -9.86 5.93 -23.45
CA ARG A 289 -10.47 7.05 -22.73
C ARG A 289 -11.94 6.84 -22.42
N ASP A 290 -12.64 5.97 -23.16
CA ASP A 290 -14.07 5.78 -22.94
C ASP A 290 -14.44 4.33 -22.65
N ALA A 291 -13.49 3.53 -22.17
CA ALA A 291 -13.75 2.15 -21.80
C ALA A 291 -14.34 2.08 -20.39
N GLN A 292 -14.96 0.95 -20.07
CA GLN A 292 -15.54 0.80 -18.75
C GLN A 292 -14.44 0.86 -17.70
N GLY A 293 -14.69 1.62 -16.63
CA GLY A 293 -13.70 1.81 -15.60
C GLY A 293 -12.78 2.99 -15.81
N GLN A 294 -12.91 3.71 -16.93
N GLN A 294 -12.92 3.72 -16.91
CA GLN A 294 -12.15 4.93 -17.17
CA GLN A 294 -12.11 4.92 -17.14
C GLN A 294 -13.02 6.10 -16.75
C GLN A 294 -12.98 6.12 -16.76
N THR A 295 -12.82 6.58 -15.52
CA THR A 295 -13.67 7.60 -14.93
C THR A 295 -13.02 8.97 -14.91
N LEU A 296 -11.78 9.10 -15.35
CA LEU A 296 -11.12 10.37 -15.18
C LEU A 296 -11.03 11.11 -16.51
N PRO A 297 -11.03 12.43 -16.49
CA PRO A 297 -10.94 13.19 -17.75
C PRO A 297 -9.50 13.24 -18.29
N LEU A 298 -9.00 12.08 -18.69
CA LEU A 298 -7.63 11.97 -19.18
C LEU A 298 -7.51 12.51 -20.59
N SER A 299 -6.44 13.28 -20.82
CA SER A 299 -6.13 13.83 -22.14
C SER A 299 -5.43 12.76 -22.99
N PRO A 300 -5.50 12.90 -24.32
CA PRO A 300 -4.69 12.02 -25.19
C PRO A 300 -3.20 12.16 -24.93
N GLN A 301 -2.77 13.27 -24.35
CA GLN A 301 -1.37 13.53 -24.08
C GLN A 301 -0.94 13.08 -22.70
N THR A 302 -1.81 12.38 -21.95
CA THR A 302 -1.46 11.97 -20.60
C THR A 302 -0.21 11.09 -20.61
N LYS A 303 0.79 11.47 -19.81
CA LYS A 303 2.00 10.68 -19.66
C LYS A 303 2.07 9.93 -18.34
N ILE A 304 1.58 10.54 -17.25
CA ILE A 304 1.58 9.91 -15.93
C ILE A 304 0.21 10.13 -15.31
N LEU A 305 -0.41 9.04 -14.84
CA LEU A 305 -1.55 9.11 -13.95
C LEU A 305 -1.08 8.70 -12.56
N PHE A 306 -1.27 9.59 -11.59
CA PHE A 306 -0.94 9.31 -10.19
C PHE A 306 -2.25 9.06 -9.45
N LEU A 307 -2.32 7.92 -8.76
CA LEU A 307 -3.49 7.57 -7.95
C LEU A 307 -3.06 7.55 -6.48
N GLY A 308 -3.63 8.47 -5.69
CA GLY A 308 -3.24 8.61 -4.30
C GLY A 308 -4.11 7.80 -3.36
N GLY A 309 -3.66 6.60 -2.99
CA GLY A 309 -4.48 5.64 -2.27
C GLY A 309 -3.80 5.11 -1.00
N HIS A 310 -4.09 3.84 -0.72
CA HIS A 310 -3.76 3.23 0.57
C HIS A 310 -3.00 1.92 0.37
N ASP A 311 -2.35 1.47 1.45
CA ASP A 311 -1.68 0.17 1.40
C ASP A 311 -2.66 -0.93 1.04
N THR A 312 -3.92 -0.84 1.51
CA THR A 312 -4.87 -1.90 1.18
C THR A 312 -5.16 -1.94 -0.32
N ASN A 313 -5.19 -0.77 -0.97
CA ASN A 313 -5.40 -0.74 -2.42
C ASN A 313 -4.28 -1.44 -3.14
N ILE A 314 -3.04 -1.14 -2.76
CA ILE A 314 -1.90 -1.75 -3.43
C ILE A 314 -1.94 -3.26 -3.26
N ALA A 315 -2.24 -3.70 -2.05
CA ALA A 315 -2.31 -5.13 -1.79
C ALA A 315 -3.46 -5.79 -2.56
N ASN A 316 -4.62 -5.11 -2.66
CA ASN A 316 -5.71 -5.68 -3.48
C ASN A 316 -5.26 -5.91 -4.91
N ILE A 317 -4.63 -4.89 -5.51
CA ILE A 317 -4.15 -5.02 -6.89
C ILE A 317 -3.14 -6.15 -7.01
N ALA A 318 -2.25 -6.27 -6.02
CA ALA A 318 -1.27 -7.36 -6.03
C ALA A 318 -1.93 -8.72 -5.96
N GLY A 319 -2.96 -8.86 -5.12
CA GLY A 319 -3.68 -10.13 -5.06
C GLY A 319 -4.38 -10.47 -6.36
N MET A 320 -4.99 -9.46 -6.99
CA MET A 320 -5.68 -9.72 -8.25
C MET A 320 -4.71 -10.16 -9.34
N LEU A 321 -3.53 -9.53 -9.39
CA LEU A 321 -2.60 -9.78 -10.48
C LEU A 321 -1.58 -10.86 -10.15
N GLY A 322 -1.59 -11.40 -8.94
CA GLY A 322 -0.60 -12.37 -8.52
C GLY A 322 0.79 -11.76 -8.41
N LEU A 323 0.87 -10.59 -7.78
CA LEU A 323 2.14 -9.90 -7.56
C LEU A 323 2.66 -10.22 -6.17
N ASN A 324 3.95 -10.54 -6.07
CA ASN A 324 4.61 -10.76 -4.78
C ASN A 324 6.01 -10.19 -4.84
N TRP A 325 6.40 -9.49 -3.78
CA TRP A 325 7.70 -8.82 -3.76
C TRP A 325 8.20 -8.73 -2.32
N GLN A 326 9.52 -8.52 -2.19
CA GLN A 326 10.14 -8.12 -0.93
C GLN A 326 11.06 -6.95 -1.21
N LEU A 327 11.08 -5.98 -0.29
CA LEU A 327 11.80 -4.74 -0.52
C LEU A 327 13.06 -4.67 0.33
N PRO A 328 14.25 -4.69 -0.27
CA PRO A 328 15.47 -4.55 0.52
C PRO A 328 15.45 -3.28 1.37
N GLN A 329 15.72 -3.45 2.66
CA GLN A 329 15.80 -2.37 3.64
C GLN A 329 14.49 -1.66 3.85
N GLN A 330 13.37 -2.33 3.57
CA GLN A 330 12.04 -1.77 3.79
C GLN A 330 11.12 -2.91 4.19
N PRO A 331 10.90 -3.13 5.50
CA PRO A 331 10.22 -4.35 5.95
C PRO A 331 8.72 -4.35 5.72
N ASP A 332 8.11 -3.20 5.44
CA ASP A 332 6.70 -3.13 5.10
C ASP A 332 6.57 -3.34 3.59
N ASN A 333 5.79 -4.33 3.18
CA ASN A 333 5.60 -4.57 1.75
C ASN A 333 4.87 -3.43 1.06
N THR A 334 4.09 -2.65 1.81
CA THR A 334 3.32 -1.53 1.27
C THR A 334 3.70 -0.28 2.07
N PRO A 335 4.93 0.20 1.90
CA PRO A 335 5.50 1.18 2.85
C PRO A 335 4.96 2.58 2.63
N PRO A 336 5.13 3.49 3.60
CA PRO A 336 4.65 4.87 3.44
C PRO A 336 5.25 5.53 2.22
N GLY A 337 4.39 6.09 1.39
CA GLY A 337 4.80 6.77 0.19
C GLY A 337 5.29 5.89 -0.93
N GLY A 338 5.25 4.57 -0.76
CA GLY A 338 5.69 3.66 -1.82
C GLY A 338 4.65 3.55 -2.92
N GLY A 339 5.13 3.33 -4.14
CA GLY A 339 4.25 3.32 -5.31
C GLY A 339 4.31 2.00 -6.06
N LEU A 340 3.14 1.48 -6.41
CA LEU A 340 3.05 0.38 -7.37
C LEU A 340 2.93 1.01 -8.75
N VAL A 341 3.99 0.88 -9.54
CA VAL A 341 4.14 1.65 -10.78
C VAL A 341 3.94 0.71 -11.97
N PHE A 342 3.05 1.09 -12.87
CA PHE A 342 2.75 0.37 -14.10
C PHE A 342 3.33 1.14 -15.27
N GLU A 343 4.07 0.45 -16.14
CA GLU A 343 4.71 1.06 -17.29
C GLU A 343 4.17 0.44 -18.57
N LEU A 344 3.88 1.29 -19.56
CA LEU A 344 3.50 0.83 -20.90
C LEU A 344 4.70 1.02 -21.81
N TRP A 345 5.29 -0.08 -22.26
CA TRP A 345 6.44 -0.08 -23.16
C TRP A 345 6.00 -0.53 -24.55
N GLN A 346 6.50 0.13 -25.59
CA GLN A 346 6.06 -0.17 -26.94
C GLN A 346 7.27 -0.42 -27.82
N ASN A 347 7.21 -1.50 -28.60
CA ASN A 347 8.28 -1.81 -29.55
C ASN A 347 8.11 -0.95 -30.80
N PRO A 348 9.08 -0.08 -31.13
CA PRO A 348 8.89 0.78 -32.31
C PRO A 348 8.89 0.03 -33.63
N ASP A 349 9.36 -1.22 -33.65
CA ASP A 349 9.40 -1.97 -34.91
C ASP A 349 8.03 -2.47 -35.33
N ASN A 350 7.17 -2.80 -34.37
CA ASN A 350 5.88 -3.40 -34.73
C ASN A 350 4.72 -2.81 -33.96
N HIS A 351 4.99 -1.93 -33.00
CA HIS A 351 4.02 -1.27 -32.13
C HIS A 351 3.24 -2.25 -31.27
N GLN A 352 3.80 -3.43 -31.01
CA GLN A 352 3.30 -4.25 -29.92
C GLN A 352 3.66 -3.57 -28.60
N CYS A 353 2.71 -3.57 -27.66
CA CYS A 353 2.99 -2.94 -26.38
C CYS A 353 3.08 -3.99 -25.29
N TYR A 354 3.68 -3.57 -24.18
CA TYR A 354 4.02 -4.44 -23.06
C TYR A 354 3.74 -3.69 -21.78
N VAL A 355 3.41 -4.44 -20.72
CA VAL A 355 3.21 -3.87 -19.39
C VAL A 355 4.33 -4.36 -18.48
N ALA A 356 4.88 -3.44 -17.69
CA ALA A 356 5.85 -3.76 -16.66
C ALA A 356 5.36 -3.19 -15.34
N VAL A 357 5.70 -3.87 -14.24
CA VAL A 357 5.32 -3.42 -12.90
C VAL A 357 6.57 -3.31 -12.03
N LYS A 358 6.64 -2.23 -11.26
CA LYS A 358 7.75 -1.99 -10.36
C LYS A 358 7.20 -1.46 -9.04
N LEU A 359 7.88 -1.78 -7.96
CA LEU A 359 7.57 -1.15 -6.67
C LEU A 359 8.68 -0.14 -6.37
N PHE A 360 8.31 1.15 -6.33
CA PHE A 360 9.23 2.24 -5.99
C PHE A 360 9.05 2.58 -4.53
N TYR A 361 10.15 2.69 -3.77
CA TYR A 361 9.98 2.89 -2.33
C TYR A 361 11.22 3.56 -1.72
N GLN A 362 11.03 4.08 -0.53
CA GLN A 362 12.14 4.58 0.28
C GLN A 362 12.47 3.55 1.35
N THR A 363 13.77 3.36 1.58
CA THR A 363 14.23 2.48 2.63
C THR A 363 13.95 3.11 4.00
N MET A 364 14.14 2.31 5.05
CA MET A 364 13.95 2.83 6.40
CA MET A 364 13.95 2.83 6.40
C MET A 364 14.84 4.04 6.66
N ASP A 365 16.11 3.95 6.24
CA ASP A 365 17.03 5.07 6.44
C ASP A 365 16.67 6.27 5.58
N GLN A 366 16.22 6.03 4.35
CA GLN A 366 15.84 7.13 3.48
C GLN A 366 14.66 7.89 4.07
N LEU A 367 13.75 7.17 4.74
CA LEU A 367 12.64 7.83 5.42
C LEU A 367 13.11 8.50 6.71
N ARG A 368 13.72 7.75 7.61
CA ARG A 368 14.08 8.31 8.92
C ARG A 368 15.01 9.52 8.77
N ASN A 369 15.96 9.46 7.84
CA ASN A 369 16.92 10.55 7.67
C ASN A 369 16.49 11.58 6.62
N ALA A 370 15.32 11.42 6.03
CA ALA A 370 14.80 12.35 5.01
C ALA A 370 15.87 12.64 3.95
N GLU A 371 16.36 11.56 3.35
CA GLU A 371 17.51 11.66 2.48
C GLU A 371 17.12 12.16 1.09
N LYS A 372 17.88 13.11 0.58
CA LYS A 372 17.78 13.47 -0.82
C LYS A 372 18.02 12.24 -1.68
N LEU A 373 17.12 12.00 -2.63
CA LEU A 373 17.23 10.88 -3.56
C LEU A 373 17.73 11.39 -4.90
N ASP A 374 18.53 10.58 -5.57
CA ASP A 374 19.10 10.96 -6.85
C ASP A 374 19.31 9.70 -7.67
N LEU A 375 19.44 9.87 -8.98
CA LEU A 375 19.56 8.70 -9.86
C LEU A 375 20.82 7.89 -9.55
N LYS A 376 21.91 8.56 -9.20
CA LYS A 376 23.22 7.93 -9.14
C LYS A 376 23.58 7.48 -7.73
N ASN A 377 23.66 8.42 -6.79
CA ASN A 377 24.28 8.11 -5.51
C ASN A 377 23.29 7.47 -4.54
N ASN A 378 22.06 7.97 -4.51
CA ASN A 378 21.07 7.52 -3.52
C ASN A 378 19.71 7.40 -4.18
N PRO A 379 19.53 6.43 -5.06
CA PRO A 379 18.21 6.25 -5.68
C PRO A 379 17.22 5.63 -4.73
N ALA A 380 15.94 5.91 -4.98
CA ALA A 380 14.89 5.15 -4.33
C ALA A 380 15.03 3.67 -4.70
N GLY A 381 14.55 2.81 -3.82
CA GLY A 381 14.46 1.40 -4.16
C GLY A 381 13.47 1.18 -5.29
N ILE A 382 13.85 0.29 -6.21
CA ILE A 382 13.02 -0.07 -7.35
C ILE A 382 13.07 -1.58 -7.48
N VAL A 383 11.91 -2.22 -7.39
CA VAL A 383 11.84 -3.68 -7.47
C VAL A 383 10.93 -4.09 -8.62
N PRO A 384 11.46 -4.64 -9.70
CA PRO A 384 10.58 -5.19 -10.74
C PRO A 384 9.81 -6.38 -10.19
N VAL A 385 8.54 -6.47 -10.57
CA VAL A 385 7.61 -7.45 -10.01
C VAL A 385 7.11 -8.39 -11.10
N ALA A 386 7.21 -9.69 -10.87
CA ALA A 386 6.65 -10.66 -11.80
C ALA A 386 5.13 -10.71 -11.70
N ILE A 387 4.47 -10.89 -12.85
CA ILE A 387 3.02 -10.91 -12.93
C ILE A 387 2.59 -12.33 -13.25
N ASP A 388 1.63 -12.86 -12.49
CA ASP A 388 1.17 -14.23 -12.66
C ASP A 388 0.50 -14.40 -14.02
N GLY A 389 0.88 -15.45 -14.73
CA GLY A 389 0.32 -15.70 -16.05
C GLY A 389 0.88 -14.82 -17.15
N CYS A 390 1.89 -14.00 -16.85
CA CYS A 390 2.49 -13.12 -17.83
C CYS A 390 3.80 -13.69 -18.33
N GLU A 391 4.32 -13.08 -19.40
CA GLU A 391 5.53 -13.62 -20.00
C GLU A 391 6.78 -13.30 -19.18
N ASN A 392 6.76 -12.20 -18.41
CA ASN A 392 7.88 -11.80 -17.56
C ASN A 392 9.20 -11.80 -18.32
N ILE A 393 9.22 -11.07 -19.43
CA ILE A 393 10.34 -11.06 -20.37
C ILE A 393 11.39 -10.06 -19.91
N GLY A 394 12.60 -10.52 -19.67
CA GLY A 394 13.71 -9.60 -19.51
C GLY A 394 13.78 -8.93 -18.14
N ASP A 395 14.68 -7.95 -18.05
CA ASP A 395 14.95 -7.26 -16.78
C ASP A 395 13.72 -6.52 -16.27
N ASP A 396 12.88 -6.02 -17.17
CA ASP A 396 11.67 -5.31 -16.76
C ASP A 396 10.47 -6.24 -16.60
N LYS A 397 10.65 -7.56 -16.79
CA LYS A 397 9.59 -8.54 -16.61
C LYS A 397 8.33 -8.14 -17.39
N LEU A 398 8.52 -7.91 -18.70
CA LEU A 398 7.44 -7.41 -19.54
C LEU A 398 6.36 -8.45 -19.77
N CYS A 399 5.10 -7.99 -19.71
CA CYS A 399 3.93 -8.75 -20.07
C CYS A 399 3.34 -8.21 -21.38
N GLN A 400 2.99 -9.09 -22.30
CA GLN A 400 2.35 -8.61 -23.53
C GLN A 400 1.05 -7.90 -23.18
N CYS A 401 0.77 -6.82 -23.90
CA CYS A 401 -0.47 -6.08 -23.67
C CYS A 401 -1.70 -6.98 -23.75
N ASP A 402 -1.74 -7.88 -24.74
CA ASP A 402 -2.91 -8.74 -24.86
C ASP A 402 -2.97 -9.75 -23.71
N THR A 403 -1.83 -10.33 -23.33
CA THR A 403 -1.79 -11.18 -22.14
C THR A 403 -2.26 -10.44 -20.90
N PHE A 404 -1.82 -9.19 -20.74
CA PHE A 404 -2.17 -8.43 -19.54
C PHE A 404 -3.67 -8.14 -19.50
N GLN A 405 -4.24 -7.70 -20.63
CA GLN A 405 -5.67 -7.44 -20.69
C GLN A 405 -6.48 -8.70 -20.38
N LYS A 406 -6.04 -9.86 -20.91
CA LYS A 406 -6.70 -11.12 -20.57
C LYS A 406 -6.67 -11.40 -19.08
N LYS A 407 -5.51 -11.17 -18.44
CA LYS A 407 -5.41 -11.41 -17.02
C LYS A 407 -6.34 -10.49 -16.24
N VAL A 408 -6.39 -9.20 -16.62
CA VAL A 408 -7.30 -8.27 -15.96
C VAL A 408 -8.74 -8.74 -16.10
N ALA A 409 -9.12 -9.18 -17.31
CA ALA A 409 -10.49 -9.65 -17.51
C ALA A 409 -10.82 -10.84 -16.62
N GLN A 410 -9.86 -11.74 -16.40
CA GLN A 410 -10.11 -12.89 -15.53
C GLN A 410 -10.15 -12.48 -14.06
N ALA A 411 -9.44 -11.42 -13.68
CA ALA A 411 -9.27 -11.05 -12.28
C ALA A 411 -10.39 -10.16 -11.75
N ILE A 412 -11.06 -9.39 -12.60
CA ILE A 412 -12.02 -8.41 -12.10
C ILE A 412 -13.29 -9.11 -11.63
N CYS A 413 -14.00 -8.42 -10.74
CA CYS A 413 -15.37 -8.74 -10.36
C CYS A 413 -16.26 -7.69 -11.02
N PRO A 414 -16.85 -7.96 -12.18
CA PRO A 414 -17.44 -6.89 -13.00
C PRO A 414 -18.62 -6.19 -12.35
N ALA A 415 -19.34 -6.84 -11.42
CA ALA A 415 -20.39 -6.17 -10.67
C ALA A 415 -19.85 -5.08 -9.76
N CYS A 416 -18.53 -5.03 -9.55
CA CYS A 416 -17.93 -4.04 -8.68
C CYS A 416 -17.37 -2.84 -9.45
N HIS A 417 -17.85 -2.60 -10.67
CA HIS A 417 -17.35 -1.45 -11.44
C HIS A 417 -18.06 -0.16 -11.06
N ILE A 418 -17.43 0.96 -11.41
CA ILE A 418 -18.02 2.28 -11.22
C ILE A 418 -18.11 2.97 -12.58
#